data_7CUT
#
_entry.id   7CUT
#
_cell.length_a   98.220
_cell.length_b   82.650
_cell.length_c   51.740
_cell.angle_alpha   90.000
_cell.angle_beta   115.280
_cell.angle_gamma   90.000
#
_symmetry.space_group_name_H-M   'C 1 2 1'
#
loop_
_entity.id
_entity.type
_entity.pdbx_description
1 polymer '3C protein'
2 polymer Z-VAD(OMe)-FMK
3 non-polymer 'DIMETHYL SULFOXIDE'
4 non-polymer GLYCEROL
5 water water
#
loop_
_entity_poly.entity_id
_entity_poly.type
_entity_poly.pdbx_seq_one_letter_code
_entity_poly.pdbx_strand_id
1 'polypeptide(L)'
;SGFRKMAFPSGKVEGCMVQVTCGTTTLNGLWLDDVVYCPRHVICTSEDMLNPNYEDLLIRKSNHNFLVQAGNVQLRVIGH
SMQNCVLKLKVDTANPKTPKYKFVRIQPGQTFSVLACYNGSPSGVYQCAMRPNFTIKGSFLNGSCGSVGFNIDYDCVSFC
YMHHMELPTGVHAGTDLEGNFYGPFVDRQTAQAAGTDTTITVNVLAWLYAAVINGDRWFLNRFTTTLNDFNLVAMKYNYE
PLTQDHVDILGPLSAQTGIAVLDMCASLKELLQNGMNGRTILGSALLEDEFTPFDVVRQCSGVTFQ
;
A
2 'polypeptide(L)' (PHQ)VA(FL6)(CF0) B
#
loop_
_chem_comp.id
_chem_comp.type
_chem_comp.name
_chem_comp.formula
CF0 non-polymer fluoromethane 'C H3 F'
DMS non-polymer 'DIMETHYL SULFOXIDE' 'C2 H6 O S'
GOL non-polymer GLYCEROL 'C3 H8 O3'
PHQ non-polymer 'benzyl chlorocarbonate' 'C8 H7 Cl O2'
#
# COMPACT_ATOMS: atom_id res chain seq x y z
N SER A 1 -1.81 24.85 7.57
CA SER A 1 -3.03 24.73 6.74
C SER A 1 -2.85 23.88 5.51
N GLY A 2 -3.95 23.43 4.92
CA GLY A 2 -3.93 22.63 3.71
C GLY A 2 -3.91 21.14 4.06
N PHE A 3 -4.26 20.33 3.08
CA PHE A 3 -4.29 18.89 3.25
C PHE A 3 -4.08 18.25 1.89
N ARG A 4 -3.03 17.45 1.81
CA ARG A 4 -2.69 16.76 0.58
C ARG A 4 -2.40 15.31 0.87
N LYS A 5 -2.35 14.50 -0.17
CA LYS A 5 -2.06 13.11 0.00
C LYS A 5 -0.55 13.18 0.08
N MET A 6 -0.04 13.05 1.30
CA MET A 6 1.39 13.16 1.53
C MET A 6 2.08 11.84 1.73
N ALA A 7 3.17 11.65 0.99
CA ALA A 7 3.96 10.44 1.11
C ALA A 7 5.16 10.69 2.01
N PHE A 8 5.78 9.62 2.49
CA PHE A 8 6.96 9.76 3.31
C PHE A 8 8.13 10.11 2.42
N PRO A 9 9.15 10.78 2.98
CA PRO A 9 10.31 11.08 2.15
C PRO A 9 10.97 9.75 1.80
N SER A 10 11.40 9.64 0.56
CA SER A 10 11.74 8.33 0.04
C SER A 10 13.22 8.01 0.06
N GLY A 11 14.09 8.94 0.51
CA GLY A 11 15.53 8.71 0.31
C GLY A 11 16.01 7.34 0.82
N LYS A 12 15.54 6.99 2.01
CA LYS A 12 16.04 5.80 2.67
C LYS A 12 15.76 4.57 1.88
N VAL A 13 14.63 4.54 1.16
CA VAL A 13 14.25 3.42 0.31
C VAL A 13 14.96 3.52 -1.00
N GLU A 14 15.11 4.75 -1.55
CA GLU A 14 15.75 4.86 -2.87
C GLU A 14 17.12 4.19 -2.88
N GLY A 15 17.87 4.31 -1.76
CA GLY A 15 19.21 3.73 -1.68
C GLY A 15 19.24 2.22 -1.59
N CYS A 16 18.08 1.59 -1.61
CA CYS A 16 17.97 0.14 -1.52
C CYS A 16 17.50 -0.48 -2.81
N MET A 17 17.14 0.34 -3.80
CA MET A 17 16.54 -0.20 -5.01
C MET A 17 17.63 -0.65 -5.98
N VAL A 18 17.47 -1.84 -6.52
CA VAL A 18 18.40 -2.43 -7.49
C VAL A 18 17.61 -3.06 -8.63
N GLN A 19 18.33 -3.47 -9.67
CA GLN A 19 17.73 -4.12 -10.82
C GLN A 19 18.15 -5.57 -10.83
N VAL A 20 17.19 -6.45 -11.02
CA VAL A 20 17.39 -7.90 -11.00
C VAL A 20 16.98 -8.43 -12.36
N THR A 21 17.92 -9.07 -13.07
CA THR A 21 17.61 -9.67 -14.36
C THR A 21 17.87 -11.17 -14.34
N CYS A 22 16.99 -11.91 -15.00
CA CYS A 22 17.02 -13.37 -15.10
C CYS A 22 16.38 -13.74 -16.42
N GLY A 23 17.13 -14.41 -17.30
CA GLY A 23 16.65 -14.60 -18.67
C GLY A 23 16.50 -13.24 -19.33
N THR A 24 15.38 -13.07 -20.03
CA THR A 24 15.03 -11.75 -20.54
C THR A 24 14.05 -11.00 -19.64
N THR A 25 13.84 -11.46 -18.41
CA THR A 25 12.96 -10.78 -17.47
C THR A 25 13.79 -9.87 -16.56
N THR A 26 13.41 -8.58 -16.51
CA THR A 26 14.08 -7.60 -15.67
C THR A 26 13.04 -6.89 -14.79
N LEU A 27 13.38 -6.70 -13.52
CA LEU A 27 12.48 -6.03 -12.55
C LEU A 27 13.28 -5.52 -11.36
N ASN A 28 12.57 -5.11 -10.33
CA ASN A 28 13.24 -4.37 -9.28
C ASN A 28 13.46 -5.28 -8.10
N GLY A 29 14.50 -4.99 -7.34
CA GLY A 29 14.77 -5.69 -6.11
C GLY A 29 15.08 -4.68 -5.02
N LEU A 30 15.04 -5.17 -3.79
CA LEU A 30 15.30 -4.38 -2.60
C LEU A 30 16.51 -4.97 -1.91
N TRP A 31 17.53 -4.16 -1.73
CA TRP A 31 18.85 -4.60 -1.28
C TRP A 31 19.05 -4.11 0.14
N LEU A 32 18.99 -5.05 1.08
CA LEU A 32 19.11 -4.74 2.49
C LEU A 32 20.20 -5.64 3.05
N ASP A 33 21.20 -5.04 3.69
CA ASP A 33 22.38 -5.80 4.15
C ASP A 33 22.89 -6.57 2.95
N ASP A 34 23.15 -7.89 3.05
CA ASP A 34 23.66 -8.60 1.91
C ASP A 34 22.61 -9.47 1.26
N VAL A 35 21.34 -9.08 1.29
CA VAL A 35 20.28 -9.83 0.61
C VAL A 35 19.53 -8.91 -0.34
N VAL A 36 19.12 -9.44 -1.50
CA VAL A 36 18.27 -8.76 -2.48
C VAL A 36 16.94 -9.52 -2.57
N TYR A 37 15.83 -8.81 -2.31
CA TYR A 37 14.50 -9.41 -2.31
C TYR A 37 13.82 -9.03 -3.62
N CYS A 38 13.16 -10.00 -4.27
CA CYS A 38 12.40 -9.64 -5.47
C CYS A 38 11.30 -10.65 -5.72
N PRO A 39 10.35 -10.35 -6.62
CA PRO A 39 9.29 -11.32 -6.87
C PRO A 39 9.90 -12.58 -7.46
N ARG A 40 9.44 -13.75 -7.01
CA ARG A 40 10.02 -14.98 -7.53
C ARG A 40 9.68 -15.18 -9.00
N HIS A 41 8.61 -14.52 -9.50
CA HIS A 41 8.29 -14.74 -10.91
C HIS A 41 9.30 -14.11 -11.86
N VAL A 42 10.38 -13.54 -11.33
CA VAL A 42 11.50 -13.15 -12.17
C VAL A 42 12.15 -14.37 -12.80
N ILE A 43 11.89 -15.59 -12.28
CA ILE A 43 12.56 -16.76 -12.86
C ILE A 43 11.65 -17.39 -13.90
N CYS A 44 10.53 -16.78 -14.19
CA CYS A 44 9.60 -17.38 -15.12
C CYS A 44 9.85 -16.91 -16.53
N THR A 45 9.41 -17.74 -17.47
CA THR A 45 9.33 -17.43 -18.88
C THR A 45 7.86 -17.37 -19.29
N SER A 46 7.62 -16.64 -20.37
CA SER A 46 6.24 -16.43 -20.81
C SER A 46 5.52 -17.75 -21.07
N GLU A 47 6.20 -18.73 -21.67
CA GLU A 47 5.49 -19.97 -22.00
C GLU A 47 5.31 -20.90 -20.79
N ASP A 48 5.88 -20.59 -19.63
CA ASP A 48 5.59 -21.36 -18.42
C ASP A 48 4.85 -20.51 -17.39
N MET A 49 4.01 -19.58 -17.83
CA MET A 49 3.45 -18.66 -16.85
C MET A 49 2.06 -19.12 -16.42
N LEU A 50 1.42 -19.96 -17.23
CA LEU A 50 0.09 -20.45 -16.88
C LEU A 50 0.08 -21.25 -15.58
N ASN A 51 0.94 -22.26 -15.50
CA ASN A 51 1.02 -23.11 -14.31
C ASN A 51 2.44 -23.50 -13.92
N PRO A 52 3.24 -22.52 -13.46
CA PRO A 52 4.62 -22.74 -13.06
C PRO A 52 4.84 -23.47 -11.73
N ASN A 53 5.91 -24.24 -11.68
CA ASN A 53 6.31 -24.95 -10.47
C ASN A 53 7.60 -24.25 -10.10
N TYR A 54 7.51 -23.27 -9.20
CA TYR A 54 8.66 -22.45 -8.88
C TYR A 54 9.79 -23.24 -8.23
N GLU A 55 9.48 -24.29 -7.49
CA GLU A 55 10.55 -25.07 -6.92
C GLU A 55 11.39 -25.70 -8.02
N ASP A 56 10.75 -26.31 -9.02
CA ASP A 56 11.45 -26.84 -10.19
C ASP A 56 12.19 -25.76 -10.95
N LEU A 57 11.51 -24.64 -11.23
CA LEU A 57 12.16 -23.58 -11.96
C LEU A 57 13.40 -23.10 -11.24
N LEU A 58 13.33 -23.00 -9.89
CA LEU A 58 14.46 -22.44 -9.16
C LEU A 58 15.60 -23.44 -9.08
N ILE A 59 15.31 -24.73 -8.88
CA ILE A 59 16.39 -25.71 -8.77
C ILE A 59 17.25 -25.77 -10.03
N ARG A 60 16.70 -25.38 -11.17
CA ARG A 60 17.43 -25.33 -12.44
C ARG A 60 18.27 -24.10 -12.64
N LYS A 61 18.30 -23.17 -11.69
CA LYS A 61 19.05 -21.94 -11.83
C LYS A 61 20.36 -22.05 -11.04
N SER A 62 21.34 -21.26 -11.47
CA SER A 62 22.59 -21.05 -10.76
C SER A 62 22.71 -19.58 -10.36
N ASN A 63 23.51 -19.32 -9.33
CA ASN A 63 23.78 -17.95 -8.89
C ASN A 63 24.14 -17.00 -10.06
N HIS A 64 24.80 -17.52 -11.12
CA HIS A 64 25.19 -16.68 -12.24
C HIS A 64 24.05 -16.42 -13.22
N ASN A 65 22.92 -17.09 -13.06
CA ASN A 65 21.75 -16.75 -13.86
C ASN A 65 21.08 -15.43 -13.42
N PHE A 66 21.50 -14.83 -12.33
CA PHE A 66 20.85 -13.63 -11.78
C PHE A 66 21.82 -12.44 -11.87
N LEU A 67 21.53 -11.51 -12.76
CA LEU A 67 22.30 -10.27 -12.85
C LEU A 67 21.72 -9.28 -11.86
N VAL A 68 22.49 -8.84 -10.87
CA VAL A 68 22.02 -7.77 -10.00
C VAL A 68 22.81 -6.50 -10.27
N GLN A 69 22.11 -5.40 -10.51
CA GLN A 69 22.78 -4.12 -10.74
C GLN A 69 22.30 -3.07 -9.78
N ALA A 70 23.23 -2.51 -9.02
CA ALA A 70 22.95 -1.45 -8.09
C ALA A 70 23.57 -0.26 -8.78
N GLY A 71 22.76 0.51 -9.49
CA GLY A 71 23.29 1.63 -10.23
C GLY A 71 24.23 1.02 -11.25
N ASN A 72 25.48 1.44 -11.26
CA ASN A 72 26.45 0.90 -12.19
C ASN A 72 27.26 -0.28 -11.65
N VAL A 73 27.13 -0.58 -10.35
CA VAL A 73 27.95 -1.62 -9.79
C VAL A 73 27.23 -2.96 -9.87
N GLN A 74 27.93 -4.00 -10.26
CA GLN A 74 27.22 -5.25 -10.52
C GLN A 74 27.38 -5.94 -9.20
N LEU A 75 26.38 -6.62 -8.68
CA LEU A 75 26.60 -7.28 -7.39
C LEU A 75 26.66 -8.78 -7.60
N ARG A 76 27.72 -9.37 -7.11
CA ARG A 76 27.92 -10.79 -7.34
C ARG A 76 27.00 -11.54 -6.39
N VAL A 77 26.11 -12.33 -6.96
CA VAL A 77 25.23 -13.25 -6.24
C VAL A 77 26.02 -14.46 -5.76
N ILE A 78 25.98 -14.71 -4.45
CA ILE A 78 26.68 -15.84 -3.86
C ILE A 78 25.74 -16.88 -3.25
N GLY A 79 24.45 -16.77 -3.57
CA GLY A 79 23.45 -17.70 -3.07
C GLY A 79 22.04 -17.25 -3.38
N HIS A 80 21.11 -18.20 -3.40
CA HIS A 80 19.71 -17.88 -3.69
C HIS A 80 18.75 -18.84 -3.02
N SER A 81 17.59 -18.34 -2.63
CA SER A 81 16.61 -19.19 -1.97
C SER A 81 15.22 -18.56 -2.12
N MET A 82 14.19 -19.38 -1.98
CA MET A 82 12.82 -18.92 -2.11
C MET A 82 12.18 -18.77 -0.74
N GLN A 83 11.44 -17.68 -0.51
CA GLN A 83 10.61 -17.59 0.70
C GLN A 83 9.23 -17.18 0.22
N ASN A 84 8.29 -18.13 0.21
CA ASN A 84 6.94 -17.95 -0.27
C ASN A 84 7.08 -17.36 -1.65
N CYS A 85 6.48 -16.19 -1.94
CA CYS A 85 6.50 -15.68 -3.30
C CYS A 85 7.64 -14.68 -3.57
N VAL A 86 8.57 -14.50 -2.66
CA VAL A 86 9.75 -13.70 -2.96
C VAL A 86 10.97 -14.60 -3.08
N LEU A 87 11.98 -14.07 -3.75
CA LEU A 87 13.27 -14.71 -3.90
C LEU A 87 14.25 -13.88 -3.09
N LYS A 88 15.10 -14.55 -2.32
CA LYS A 88 16.16 -13.92 -1.55
C LYS A 88 17.47 -14.26 -2.24
N LEU A 89 18.17 -13.22 -2.75
CA LEU A 89 19.42 -13.35 -3.49
C LEU A 89 20.54 -12.88 -2.59
N LYS A 90 21.39 -13.80 -2.17
CA LYS A 90 22.48 -13.50 -1.27
C LYS A 90 23.56 -12.90 -2.14
N VAL A 91 24.15 -11.77 -1.73
CA VAL A 91 25.17 -11.10 -2.52
C VAL A 91 26.40 -10.87 -1.64
N ASP A 92 27.53 -10.60 -2.28
CA ASP A 92 28.77 -10.53 -1.51
C ASP A 92 29.00 -9.22 -0.80
N THR A 93 28.13 -8.22 -0.95
CA THR A 93 28.38 -6.88 -0.40
C THR A 93 27.16 -6.45 0.41
N ALA A 94 27.38 -5.98 1.62
CA ALA A 94 26.28 -5.49 2.43
C ALA A 94 26.02 -4.08 1.94
N ASN A 95 24.76 -3.75 1.70
CA ASN A 95 24.37 -2.42 1.24
C ASN A 95 24.76 -1.39 2.30
N PRO A 96 25.72 -0.52 1.96
CA PRO A 96 26.19 0.49 2.91
C PRO A 96 25.10 1.48 3.27
N LYS A 97 24.05 1.54 2.45
CA LYS A 97 22.97 2.47 2.75
C LYS A 97 21.77 1.80 3.43
N THR A 98 21.89 0.55 3.87
CA THR A 98 20.76 -0.09 4.55
C THR A 98 20.28 0.79 5.70
N PRO A 99 19.04 1.23 5.68
CA PRO A 99 18.50 1.95 6.82
C PRO A 99 18.14 0.98 7.92
N LYS A 100 17.76 1.56 9.06
CA LYS A 100 17.12 0.73 10.06
C LYS A 100 15.75 0.32 9.48
N TYR A 101 15.40 -0.96 9.60
CA TYR A 101 14.19 -1.38 8.89
C TYR A 101 13.50 -2.54 9.61
N LYS A 102 12.25 -2.76 9.21
CA LYS A 102 11.44 -3.85 9.73
C LYS A 102 10.58 -4.32 8.58
N PHE A 103 10.19 -5.59 8.60
CA PHE A 103 9.17 -6.11 7.70
C PHE A 103 7.88 -6.26 8.49
N VAL A 104 6.86 -5.54 8.10
CA VAL A 104 5.61 -5.52 8.84
C VAL A 104 4.52 -5.86 7.82
N ARG A 105 3.48 -6.52 8.25
CA ARG A 105 2.34 -6.70 7.37
C ARG A 105 1.29 -5.68 7.78
N ILE A 106 0.67 -5.02 6.81
CA ILE A 106 -0.37 -4.08 7.15
C ILE A 106 -1.73 -4.73 7.02
N GLN A 107 -2.78 -4.05 7.56
CA GLN A 107 -4.18 -4.29 7.56
C GLN A 107 -4.85 -3.46 6.48
N PRO A 108 -5.92 -4.02 5.92
CA PRO A 108 -6.81 -3.25 5.05
C PRO A 108 -7.23 -1.99 5.74
N GLY A 109 -7.27 -0.90 4.98
CA GLY A 109 -7.58 0.37 5.56
C GLY A 109 -6.37 1.17 6.01
N GLN A 110 -5.18 0.59 6.05
CA GLN A 110 -3.99 1.30 6.52
C GLN A 110 -3.28 1.84 5.27
N THR A 111 -2.53 2.92 5.43
CA THR A 111 -1.91 3.53 4.26
C THR A 111 -0.40 3.30 4.27
N PHE A 112 0.21 3.54 3.11
CA PHE A 112 1.65 3.45 2.99
C PHE A 112 2.09 4.22 1.77
N SER A 113 3.39 4.49 1.70
CA SER A 113 3.98 5.17 0.58
C SER A 113 4.53 4.13 -0.38
N VAL A 114 4.37 4.36 -1.67
CA VAL A 114 4.92 3.49 -2.72
C VAL A 114 6.01 4.24 -3.44
N LEU A 115 7.19 3.58 -3.61
CA LEU A 115 8.23 4.16 -4.46
C LEU A 115 8.24 3.39 -5.76
N ALA A 116 7.58 3.93 -6.78
CA ALA A 116 7.53 3.27 -8.07
C ALA A 116 8.89 3.27 -8.75
N CYS A 117 9.39 2.09 -9.08
CA CYS A 117 10.70 1.95 -9.70
C CYS A 117 10.66 1.19 -11.01
N TYR A 118 11.58 1.55 -11.90
CA TYR A 118 11.72 0.89 -13.20
C TYR A 118 13.22 0.64 -13.42
N ASN A 119 13.57 -0.59 -13.77
CA ASN A 119 14.96 -1.01 -14.00
C ASN A 119 15.85 -0.64 -12.83
N GLY A 120 15.34 -0.84 -11.62
CA GLY A 120 16.11 -0.42 -10.47
C GLY A 120 16.12 1.08 -10.20
N SER A 121 15.50 1.92 -11.05
CA SER A 121 15.63 3.35 -10.77
C SER A 121 14.30 3.96 -10.34
N PRO A 122 14.25 4.68 -9.23
CA PRO A 122 12.97 5.25 -8.76
C PRO A 122 12.42 6.27 -9.73
N SER A 123 11.12 6.20 -10.00
CA SER A 123 10.34 7.08 -10.85
C SER A 123 9.50 8.11 -10.08
N GLY A 124 8.87 7.69 -8.98
CA GLY A 124 7.98 8.63 -8.28
C GLY A 124 7.55 8.01 -6.97
N VAL A 125 6.91 8.84 -6.14
CA VAL A 125 6.50 8.39 -4.81
C VAL A 125 5.07 8.85 -4.59
N TYR A 126 4.22 7.96 -4.07
CA TYR A 126 2.86 8.37 -3.77
C TYR A 126 2.30 7.59 -2.61
N GLN A 127 1.26 8.14 -2.01
CA GLN A 127 0.61 7.51 -0.87
C GLN A 127 -0.48 6.55 -1.36
N CYS A 128 -0.55 5.40 -0.72
CA CYS A 128 -1.52 4.38 -1.06
C CYS A 128 -2.24 3.88 0.17
N ALA A 129 -3.31 3.15 -0.06
CA ALA A 129 -4.07 2.55 1.03
C ALA A 129 -4.43 1.14 0.65
N MET A 130 -4.23 0.21 1.57
CA MET A 130 -4.62 -1.19 1.30
C MET A 130 -6.16 -1.27 1.31
N ARG A 131 -6.81 -1.60 0.18
CA ARG A 131 -8.26 -1.66 0.17
C ARG A 131 -8.80 -2.83 0.99
N PRO A 132 -10.06 -2.76 1.43
CA PRO A 132 -10.65 -3.89 2.17
C PRO A 132 -10.54 -5.20 1.43
N ASN A 133 -10.51 -5.15 0.09
CA ASN A 133 -10.41 -6.37 -0.69
C ASN A 133 -8.98 -6.76 -1.01
N PHE A 134 -7.99 -6.18 -0.31
CA PHE A 134 -6.56 -6.53 -0.38
C PHE A 134 -5.96 -6.24 -1.73
N THR A 135 -6.51 -5.28 -2.45
CA THR A 135 -5.80 -4.75 -3.60
C THR A 135 -5.39 -3.34 -3.25
N ILE A 136 -4.55 -2.78 -4.09
CA ILE A 136 -4.24 -1.35 -3.96
C ILE A 136 -4.48 -0.70 -5.30
N LYS A 137 -4.92 0.56 -5.27
CA LYS A 137 -5.14 1.34 -6.47
C LYS A 137 -3.89 2.14 -6.73
N GLY A 138 -2.92 1.46 -7.29
CA GLY A 138 -1.61 2.03 -7.50
C GLY A 138 -1.50 2.69 -8.85
N SER A 139 -0.31 3.18 -9.14
CA SER A 139 0.01 3.65 -10.49
C SER A 139 1.28 2.92 -10.91
N PHE A 140 1.14 1.91 -11.77
CA PHE A 140 2.26 1.04 -12.11
C PHE A 140 2.24 0.77 -13.62
N LEU A 141 3.41 0.75 -14.22
CA LEU A 141 3.54 0.43 -15.63
C LEU A 141 4.36 -0.85 -15.75
N ASN A 142 4.53 -1.35 -16.97
CA ASN A 142 5.32 -2.56 -17.18
C ASN A 142 6.72 -2.37 -16.62
N GLY A 143 7.17 -3.34 -15.84
CA GLY A 143 8.49 -3.28 -15.25
C GLY A 143 8.55 -2.73 -13.83
N SER A 144 7.40 -2.46 -13.24
CA SER A 144 7.38 -1.93 -11.88
C SER A 144 7.36 -3.03 -10.84
N CYS A 145 7.26 -4.30 -11.27
CA CYS A 145 7.36 -5.40 -10.31
C CYS A 145 8.56 -5.24 -9.40
N GLY A 146 8.37 -5.58 -8.11
CA GLY A 146 9.43 -5.37 -7.16
C GLY A 146 9.48 -4.02 -6.47
N SER A 147 8.75 -3.01 -6.96
CA SER A 147 8.70 -1.74 -6.24
C SER A 147 8.04 -1.99 -4.88
N VAL A 148 8.46 -1.25 -3.86
CA VAL A 148 8.00 -1.53 -2.52
C VAL A 148 7.13 -0.39 -1.97
N GLY A 149 6.37 -0.76 -0.95
CA GLY A 149 5.49 0.17 -0.23
C GLY A 149 6.01 0.15 1.21
N PHE A 150 5.90 1.29 1.89
CA PHE A 150 6.57 1.42 3.19
C PHE A 150 5.96 2.53 4.04
N ASN A 151 6.36 2.51 5.30
CA ASN A 151 6.01 3.54 6.26
C ASN A 151 7.31 3.89 7.00
N ILE A 152 7.44 5.13 7.44
CA ILE A 152 8.64 5.52 8.18
C ILE A 152 8.26 6.06 9.54
N ASP A 153 8.95 5.60 10.57
CA ASP A 153 8.69 6.06 11.91
C ASP A 153 10.00 6.18 12.69
N TYR A 154 10.36 7.40 13.05
CA TYR A 154 11.55 7.64 13.84
C TYR A 154 12.81 6.99 13.29
N ASP A 155 13.10 7.24 12.01
CA ASP A 155 14.27 6.72 11.27
C ASP A 155 14.23 5.24 10.84
N CYS A 156 13.18 4.54 11.24
CA CYS A 156 13.02 3.14 10.88
C CYS A 156 11.99 2.96 9.79
N VAL A 157 12.38 2.25 8.74
CA VAL A 157 11.50 1.98 7.61
C VAL A 157 10.78 0.65 7.76
N SER A 158 9.46 0.69 7.88
CA SER A 158 8.66 -0.54 7.97
C SER A 158 8.19 -0.84 6.55
N PHE A 159 8.78 -1.86 5.93
CA PHE A 159 8.40 -2.29 4.58
C PHE A 159 7.17 -3.17 4.70
N CYS A 160 6.11 -2.83 3.98
CA CYS A 160 4.89 -3.63 4.04
C CYS A 160 4.38 -4.19 2.72
N TYR A 161 4.98 -3.82 1.61
CA TYR A 161 4.46 -4.29 0.32
C TYR A 161 5.49 -4.34 -0.79
N MET A 162 5.40 -5.38 -1.60
CA MET A 162 6.24 -5.52 -2.78
C MET A 162 5.26 -5.79 -3.91
N HIS A 163 5.37 -5.04 -5.00
CA HIS A 163 4.45 -5.19 -6.12
C HIS A 163 4.71 -6.44 -6.95
N HIS A 164 3.64 -7.13 -7.32
CA HIS A 164 3.75 -8.36 -8.10
C HIS A 164 3.00 -8.36 -9.43
N MET A 165 1.75 -7.90 -9.45
CA MET A 165 0.96 -7.93 -10.68
C MET A 165 -0.24 -6.97 -10.74
N GLU A 166 -0.78 -6.82 -11.94
CA GLU A 166 -1.95 -6.00 -12.18
C GLU A 166 -3.12 -6.91 -12.49
N LEU A 167 -4.23 -6.70 -11.80
CA LEU A 167 -5.44 -7.52 -11.99
C LEU A 167 -6.30 -6.88 -13.06
N PRO A 168 -7.38 -7.55 -13.49
CA PRO A 168 -8.06 -7.06 -14.70
C PRO A 168 -8.74 -5.72 -14.58
N THR A 169 -9.16 -5.29 -13.38
CA THR A 169 -9.70 -3.94 -13.26
C THR A 169 -8.60 -2.85 -13.24
N GLY A 170 -7.34 -3.18 -13.44
CA GLY A 170 -6.32 -2.17 -13.37
C GLY A 170 -5.82 -1.88 -11.96
N VAL A 171 -6.29 -2.62 -10.95
CA VAL A 171 -5.81 -2.45 -9.57
C VAL A 171 -4.68 -3.45 -9.39
N HIS A 172 -4.03 -3.45 -8.25
CA HIS A 172 -2.73 -4.08 -8.13
C HIS A 172 -2.67 -5.02 -6.95
N ALA A 173 -1.80 -6.01 -7.04
CA ALA A 173 -1.71 -7.02 -6.01
C ALA A 173 -0.24 -7.33 -5.76
N GLY A 174 0.05 -7.60 -4.50
CA GLY A 174 1.40 -7.89 -4.11
C GLY A 174 1.44 -8.65 -2.81
N THR A 175 2.63 -8.73 -2.24
CA THR A 175 2.82 -9.47 -1.01
C THR A 175 3.55 -8.61 -0.02
N ASP A 176 3.76 -9.17 1.18
CA ASP A 176 4.55 -8.49 2.18
C ASP A 176 6.02 -8.90 1.98
N LEU A 177 6.93 -8.33 2.74
CA LEU A 177 8.34 -8.67 2.53
C LEU A 177 8.71 -10.13 2.85
N GLU A 178 7.82 -10.87 3.50
CA GLU A 178 8.09 -12.29 3.70
C GLU A 178 7.53 -13.11 2.56
N GLY A 179 6.99 -12.47 1.54
CA GLY A 179 6.48 -13.17 0.35
C GLY A 179 5.06 -13.69 0.41
N ASN A 180 4.25 -13.26 1.40
CA ASN A 180 2.90 -13.78 1.52
C ASN A 180 1.95 -12.79 0.86
N PHE A 181 1.10 -13.25 -0.08
CA PHE A 181 0.21 -12.30 -0.77
C PHE A 181 -0.76 -11.63 0.18
N TYR A 182 -1.05 -10.36 -0.12
CA TYR A 182 -2.24 -9.72 0.41
C TYR A 182 -3.40 -10.22 -0.41
N GLY A 183 -4.39 -10.79 0.25
CA GLY A 183 -5.56 -11.28 -0.45
C GLY A 183 -5.38 -12.64 -1.08
N PRO A 184 -6.42 -13.13 -1.77
CA PRO A 184 -6.46 -14.43 -2.42
C PRO A 184 -5.90 -14.40 -3.83
N PHE A 185 -4.70 -13.87 -3.99
CA PHE A 185 -4.08 -13.78 -5.30
C PHE A 185 -2.85 -14.67 -5.34
N VAL A 186 -2.53 -15.16 -6.53
CA VAL A 186 -1.41 -16.04 -6.72
C VAL A 186 -0.55 -15.57 -7.88
N ASP A 187 0.73 -15.91 -7.85
CA ASP A 187 1.62 -15.49 -8.92
C ASP A 187 1.64 -16.47 -10.09
N ARG A 188 0.52 -16.54 -10.79
CA ARG A 188 0.35 -17.39 -11.97
C ARG A 188 -0.87 -16.89 -12.73
N GLN A 189 -0.94 -17.20 -14.03
CA GLN A 189 -2.05 -16.75 -14.87
C GLN A 189 -3.33 -17.54 -14.62
N THR A 190 -4.32 -16.90 -14.00
CA THR A 190 -5.60 -17.53 -13.70
C THR A 190 -6.68 -16.49 -14.01
N ALA A 191 -7.92 -16.85 -13.78
CA ALA A 191 -9.01 -15.90 -13.93
C ALA A 191 -9.15 -14.96 -12.74
N GLN A 192 -8.23 -15.01 -11.79
CA GLN A 192 -8.40 -14.30 -10.52
C GLN A 192 -8.75 -12.82 -10.73
N ALA A 193 -9.69 -12.32 -9.91
CA ALA A 193 -10.13 -10.95 -9.97
C ALA A 193 -10.29 -10.40 -8.55
N ALA A 194 -10.23 -9.08 -8.45
CA ALA A 194 -10.49 -8.39 -7.19
C ALA A 194 -11.90 -8.68 -6.75
N GLY A 195 -12.08 -8.95 -5.46
CA GLY A 195 -13.43 -9.14 -4.94
C GLY A 195 -14.15 -7.81 -4.81
N THR A 196 -15.35 -7.85 -4.26
CA THR A 196 -16.05 -6.57 -4.05
C THR A 196 -15.32 -5.80 -2.95
N ASP A 197 -15.40 -4.49 -3.01
CA ASP A 197 -14.68 -3.61 -2.09
C ASP A 197 -15.72 -2.82 -1.29
N THR A 198 -15.28 -2.23 -0.18
CA THR A 198 -16.12 -1.33 0.60
C THR A 198 -15.36 -0.05 0.89
N THR A 199 -16.04 1.01 1.36
CA THR A 199 -15.34 2.23 1.72
C THR A 199 -14.89 2.15 3.17
N ILE A 200 -13.73 2.72 3.48
CA ILE A 200 -13.14 2.58 4.81
C ILE A 200 -13.72 3.70 5.67
N THR A 201 -14.78 3.36 6.42
CA THR A 201 -15.56 4.36 7.18
C THR A 201 -14.71 5.17 8.14
N VAL A 202 -13.90 4.51 8.96
CA VAL A 202 -13.12 5.25 9.94
C VAL A 202 -12.23 6.28 9.27
N ASN A 203 -11.65 5.96 8.07
CA ASN A 203 -10.86 6.97 7.35
C ASN A 203 -11.70 8.15 6.87
N VAL A 204 -12.88 7.88 6.34
CA VAL A 204 -13.75 8.96 5.92
C VAL A 204 -14.01 9.91 7.09
N LEU A 205 -14.30 9.36 8.27
CA LEU A 205 -14.50 10.22 9.46
C LEU A 205 -13.23 10.98 9.83
N ALA A 206 -12.08 10.30 9.78
CA ALA A 206 -10.84 11.03 10.06
C ALA A 206 -10.69 12.21 9.13
N TRP A 207 -11.05 12.00 7.86
CA TRP A 207 -10.86 13.00 6.86
C TRP A 207 -11.79 14.18 7.13
N LEU A 208 -13.03 13.88 7.50
CA LEU A 208 -13.96 14.96 7.92
C LEU A 208 -13.42 15.74 9.10
N TYR A 209 -12.73 15.08 10.04
CA TYR A 209 -12.07 15.85 11.10
C TYR A 209 -10.99 16.73 10.53
N ALA A 210 -10.18 16.21 9.59
CA ALA A 210 -9.16 17.06 8.99
C ALA A 210 -9.77 18.33 8.41
N ALA A 211 -10.89 18.16 7.74
CA ALA A 211 -11.58 19.27 7.11
C ALA A 211 -11.99 20.32 8.13
N VAL A 212 -12.65 19.86 9.19
CA VAL A 212 -13.03 20.77 10.28
C VAL A 212 -11.81 21.49 10.83
N ILE A 213 -10.70 20.77 11.01
CA ILE A 213 -9.45 21.37 11.47
C ILE A 213 -8.96 22.45 10.53
N ASN A 214 -9.31 22.33 9.25
CA ASN A 214 -8.89 23.26 8.22
C ASN A 214 -9.96 24.28 7.83
N GLY A 215 -11.06 24.38 8.59
CA GLY A 215 -12.07 25.40 8.32
C GLY A 215 -13.24 25.00 7.40
N ASP A 216 -13.34 23.75 6.97
CA ASP A 216 -14.53 23.33 6.22
C ASP A 216 -15.55 22.86 7.25
N ARG A 217 -16.63 23.64 7.45
CA ARG A 217 -17.61 23.27 8.45
C ARG A 217 -19.02 23.11 7.92
N TRP A 218 -19.23 23.24 6.62
CA TRP A 218 -20.58 23.31 6.09
C TRP A 218 -21.38 22.06 6.34
N PHE A 219 -20.73 20.87 6.42
CA PHE A 219 -21.46 19.61 6.52
C PHE A 219 -21.82 19.29 7.95
N LEU A 220 -21.32 20.06 8.91
CA LEU A 220 -21.66 19.79 10.30
C LEU A 220 -23.15 20.02 10.54
N ASN A 221 -23.67 19.41 11.60
CA ASN A 221 -25.05 19.61 12.03
C ASN A 221 -25.15 19.39 13.53
N ARG A 222 -26.29 19.79 14.10
CA ARG A 222 -26.53 19.65 15.53
C ARG A 222 -26.97 18.25 15.91
N PHE A 223 -27.19 17.36 14.95
CA PHE A 223 -27.72 16.05 15.28
C PHE A 223 -26.62 15.12 15.78
N THR A 224 -27.07 14.04 16.40
CA THR A 224 -26.18 12.95 16.78
C THR A 224 -26.94 11.66 16.51
N THR A 225 -26.19 10.58 16.33
CA THR A 225 -26.76 9.30 15.98
C THR A 225 -26.14 8.27 16.93
N THR A 226 -26.81 7.14 17.06
CA THR A 226 -26.18 6.03 17.77
C THR A 226 -25.31 5.26 16.79
N LEU A 227 -24.33 4.59 17.36
CA LEU A 227 -23.42 3.77 16.57
C LEU A 227 -24.20 2.69 15.81
N ASN A 228 -25.28 2.17 16.40
CA ASN A 228 -26.13 1.17 15.73
C ASN A 228 -26.82 1.73 14.49
N ASP A 229 -27.43 2.91 14.62
CA ASP A 229 -28.22 3.43 13.50
C ASP A 229 -27.32 4.02 12.41
N PHE A 230 -26.17 4.58 12.82
CA PHE A 230 -25.14 4.89 11.83
C PHE A 230 -24.80 3.64 11.01
N ASN A 231 -24.38 2.55 11.68
CA ASN A 231 -24.00 1.35 10.92
C ASN A 231 -25.14 0.82 10.08
N LEU A 232 -26.39 1.02 10.50
CA LEU A 232 -27.49 0.67 9.59
C LEU A 232 -27.39 1.45 8.29
N VAL A 233 -27.07 2.75 8.35
CA VAL A 233 -26.96 3.50 7.09
C VAL A 233 -25.65 3.15 6.35
N ALA A 234 -24.56 2.96 7.08
CA ALA A 234 -23.30 2.54 6.48
C ALA A 234 -23.46 1.28 5.65
N MET A 235 -24.06 0.24 6.22
CA MET A 235 -24.06 -1.03 5.53
C MET A 235 -24.80 -0.89 4.20
N LYS A 236 -25.74 0.07 4.10
CA LYS A 236 -26.52 0.32 2.87
C LYS A 236 -25.72 1.06 1.80
N TYR A 237 -24.72 1.86 2.16
CA TYR A 237 -23.92 2.56 1.16
C TYR A 237 -22.58 1.86 0.92
N ASN A 238 -22.47 0.59 1.29
CA ASN A 238 -21.23 -0.15 1.06
C ASN A 238 -20.04 0.47 1.80
N TYR A 239 -20.27 0.87 3.05
CA TYR A 239 -19.27 1.36 3.97
C TYR A 239 -19.03 0.28 5.00
N GLU A 240 -17.80 0.20 5.48
CA GLU A 240 -17.48 -0.74 6.54
C GLU A 240 -18.15 -0.31 7.83
N PRO A 241 -18.57 -1.26 8.66
CA PRO A 241 -19.04 -0.95 10.01
C PRO A 241 -18.05 -0.20 10.89
N LEU A 242 -18.59 0.66 11.75
CA LEU A 242 -17.82 1.42 12.70
C LEU A 242 -17.89 0.70 14.04
N THR A 243 -16.80 0.70 14.77
CA THR A 243 -16.72 0.03 16.07
C THR A 243 -16.31 1.02 17.12
N GLN A 244 -16.53 0.58 18.37
CA GLN A 244 -16.04 1.35 19.51
C GLN A 244 -14.55 1.64 19.40
N ASP A 245 -13.75 0.65 18.94
CA ASP A 245 -12.32 0.92 18.79
C ASP A 245 -12.09 2.04 17.79
N HIS A 246 -12.81 2.01 16.67
CA HIS A 246 -12.77 3.12 15.73
C HIS A 246 -13.06 4.44 16.45
N VAL A 247 -14.14 4.46 17.25
CA VAL A 247 -14.51 5.69 17.96
C VAL A 247 -13.40 6.11 18.91
N ASP A 248 -12.81 5.15 19.61
CA ASP A 248 -11.72 5.48 20.51
C ASP A 248 -10.55 6.10 19.75
N ILE A 249 -10.19 5.51 18.61
CA ILE A 249 -9.08 6.00 17.79
C ILE A 249 -9.38 7.40 17.29
N LEU A 250 -10.65 7.68 17.04
CA LEU A 250 -11.05 9.01 16.57
C LEU A 250 -11.08 10.02 17.73
N GLY A 251 -10.88 9.53 18.94
CA GLY A 251 -10.91 10.37 20.14
C GLY A 251 -10.11 11.65 20.05
N PRO A 252 -8.80 11.54 19.87
CA PRO A 252 -7.91 12.70 19.75
C PRO A 252 -8.41 13.75 18.77
N LEU A 253 -8.94 13.33 17.63
CA LEU A 253 -9.45 14.30 16.66
C LEU A 253 -10.76 14.93 17.17
N SER A 254 -11.66 14.11 17.71
CA SER A 254 -12.90 14.61 18.28
C SER A 254 -12.63 15.63 19.38
N ALA A 255 -11.62 15.39 20.20
CA ALA A 255 -11.35 16.27 21.31
C ALA A 255 -10.69 17.54 20.82
N GLN A 256 -9.79 17.42 19.83
CA GLN A 256 -9.17 18.60 19.27
C GLN A 256 -10.20 19.55 18.69
N THR A 257 -11.21 19.01 17.99
CA THR A 257 -12.21 19.83 17.29
C THR A 257 -13.46 20.11 18.10
N GLY A 258 -13.71 19.35 19.17
CA GLY A 258 -14.91 19.50 19.94
C GLY A 258 -16.12 18.78 19.38
N ILE A 259 -16.00 18.08 18.27
CA ILE A 259 -17.14 17.39 17.68
C ILE A 259 -17.04 15.93 18.08
N ALA A 260 -18.02 15.46 18.84
CA ALA A 260 -18.04 14.07 19.25
C ALA A 260 -18.07 13.17 18.03
N VAL A 261 -17.52 11.97 18.17
CA VAL A 261 -17.49 11.05 17.04
C VAL A 261 -18.91 10.81 16.52
N LEU A 262 -19.85 10.53 17.41
CA LEU A 262 -21.18 10.20 16.90
C LEU A 262 -21.89 11.41 16.27
N ASP A 263 -21.44 12.61 16.60
CA ASP A 263 -21.96 13.79 15.92
C ASP A 263 -21.45 13.85 14.47
N MET A 264 -20.16 13.57 14.29
CA MET A 264 -19.59 13.56 12.96
C MET A 264 -20.26 12.48 12.15
N CYS A 265 -20.64 11.38 12.81
CA CYS A 265 -21.33 10.31 12.11
C CYS A 265 -22.65 10.78 11.59
N ALA A 266 -23.35 11.61 12.40
CA ALA A 266 -24.57 12.21 11.88
C ALA A 266 -24.30 13.01 10.60
N SER A 267 -23.17 13.73 10.58
CA SER A 267 -22.78 14.43 9.35
C SER A 267 -22.57 13.48 8.17
N LEU A 268 -21.82 12.41 8.41
CA LEU A 268 -21.55 11.46 7.34
C LEU A 268 -22.86 10.87 6.82
N LYS A 269 -23.75 10.50 7.72
CA LYS A 269 -25.04 9.93 7.35
C LYS A 269 -25.79 10.87 6.40
N GLU A 270 -25.74 12.16 6.71
CA GLU A 270 -26.39 13.15 5.88
C GLU A 270 -25.73 13.24 4.51
N LEU A 271 -24.41 13.25 4.50
CA LEU A 271 -23.66 13.34 3.25
C LEU A 271 -23.97 12.16 2.34
N LEU A 272 -24.05 10.97 2.92
CA LEU A 272 -24.37 9.78 2.13
C LEU A 272 -25.77 9.88 1.58
N GLN A 273 -26.69 10.44 2.38
CA GLN A 273 -28.07 10.47 1.94
C GLN A 273 -28.36 11.60 0.94
N ASN A 274 -27.62 12.71 0.98
CA ASN A 274 -27.96 13.79 0.04
C ASN A 274 -26.81 14.33 -0.78
N GLY A 275 -25.63 13.74 -0.74
CA GLY A 275 -24.60 14.28 -1.59
C GLY A 275 -24.11 15.58 -1.00
N MET A 276 -23.35 16.33 -1.79
CA MET A 276 -22.73 17.54 -1.31
C MET A 276 -23.39 18.78 -1.89
N ASN A 277 -24.34 18.58 -2.80
CA ASN A 277 -25.12 19.67 -3.38
C ASN A 277 -24.20 20.71 -4.02
N GLY A 278 -23.16 20.23 -4.73
CA GLY A 278 -22.25 21.08 -5.46
C GLY A 278 -21.08 21.66 -4.69
N ARG A 279 -20.98 21.37 -3.39
CA ARG A 279 -19.89 21.85 -2.56
C ARG A 279 -18.77 20.81 -2.49
N THR A 280 -17.64 21.23 -1.96
CA THR A 280 -16.48 20.36 -1.82
C THR A 280 -15.98 20.36 -0.38
N ILE A 281 -15.17 19.37 -0.04
CA ILE A 281 -14.56 19.23 1.28
C ILE A 281 -13.10 18.98 1.00
N LEU A 282 -12.23 19.86 1.51
CA LEU A 282 -10.79 19.68 1.33
C LEU A 282 -10.44 19.46 -0.13
N GLY A 283 -11.13 20.21 -1.01
CA GLY A 283 -10.82 20.13 -2.43
C GLY A 283 -11.41 18.96 -3.18
N SER A 284 -12.18 18.10 -2.52
CA SER A 284 -12.76 16.93 -3.21
C SER A 284 -14.28 17.01 -3.25
N ALA A 285 -14.85 16.44 -4.30
CA ALA A 285 -16.29 16.40 -4.49
C ALA A 285 -16.86 15.05 -4.08
N LEU A 286 -16.03 14.22 -3.46
CA LEU A 286 -16.46 12.91 -2.98
C LEU A 286 -15.78 12.57 -1.66
N LEU A 287 -16.35 11.63 -0.92
CA LEU A 287 -15.80 11.24 0.38
C LEU A 287 -14.50 10.44 0.23
N GLU A 288 -13.43 10.99 0.78
CA GLU A 288 -12.09 10.40 0.69
C GLU A 288 -11.87 9.41 1.79
N ASP A 289 -11.41 8.21 1.44
CA ASP A 289 -11.22 7.18 2.46
C ASP A 289 -9.82 6.60 2.55
N GLU A 290 -8.82 7.30 2.01
CA GLU A 290 -7.46 6.79 2.06
C GLU A 290 -6.56 7.59 3.01
N PHE A 291 -7.16 8.14 4.05
CA PHE A 291 -6.46 8.89 5.08
C PHE A 291 -6.80 8.31 6.45
N THR A 292 -5.85 7.66 7.11
CA THR A 292 -6.12 7.13 8.45
C THR A 292 -6.18 8.23 9.51
N PRO A 293 -6.66 7.90 10.69
CA PRO A 293 -6.56 8.86 11.82
C PRO A 293 -5.13 9.31 12.11
N PHE A 294 -4.17 8.38 12.15
CA PHE A 294 -2.76 8.74 12.12
C PHE A 294 -2.36 9.74 11.07
N ASP A 295 -2.75 9.51 9.79
CA ASP A 295 -2.36 10.43 8.73
C ASP A 295 -2.84 11.84 9.03
N VAL A 296 -4.12 11.95 9.39
CA VAL A 296 -4.64 13.29 9.68
C VAL A 296 -3.84 13.94 10.79
N VAL A 297 -3.68 13.24 11.92
CA VAL A 297 -2.94 13.79 13.05
C VAL A 297 -1.54 14.27 12.67
N ARG A 298 -0.88 13.54 11.78
CA ARG A 298 0.45 13.90 11.34
C ARG A 298 0.47 15.21 10.55
N GLN A 299 -0.46 15.35 9.63
CA GLN A 299 -0.55 16.55 8.80
C GLN A 299 -1.18 17.74 9.52
N CYS A 300 -2.28 17.51 10.21
CA CYS A 300 -2.98 18.55 10.94
C CYS A 300 -2.49 18.69 12.37
N SER A 301 -3.44 18.77 13.30
CA SER A 301 -3.14 18.91 14.72
C SER A 301 -2.17 20.05 14.98
C1 PHQ B 1 -1.84 -11.03 -14.22
O1 PHQ B 1 -2.90 -11.32 -13.75
O2 PHQ B 1 -0.83 -11.99 -14.38
C2 PHQ B 1 -1.01 -13.11 -13.58
C3 PHQ B 1 0.36 -13.50 -13.00
C4 PHQ B 1 1.05 -14.54 -13.59
C5 PHQ B 1 2.29 -14.87 -13.05
C6 PHQ B 1 2.83 -14.18 -11.96
C7 PHQ B 1 2.11 -13.13 -11.39
C8 PHQ B 1 0.88 -12.80 -11.92
N VAL B 2 -1.53 -9.68 -14.66
CA VAL B 2 -0.35 -9.47 -15.49
C VAL B 2 0.89 -9.28 -14.63
N ALA B 3 2.03 -10.22 -14.77
CA ALA B 3 3.28 -10.17 -14.00
C ALA B 3 4.23 -9.09 -14.53
N FL6 B 4 3.91 -7.68 -14.45
CA FL6 B 4 4.83 -6.66 -14.97
C FL6 B 4 5.70 -6.14 -13.81
O FL6 B 4 6.89 -5.92 -13.89
CB FL6 B 4 4.00 -5.56 -15.64
CG FL6 B 4 2.72 -4.99 -14.98
OD1 FL6 B 4 1.80 -4.75 -15.70
OD2 FL6 B 4 2.64 -4.79 -13.57
CM1 FL6 B 4 1.82 -3.80 -12.92
C1 CF0 B 5 4.97 -5.97 -12.47
S DMS C . 5.35 -23.97 -6.16
O DMS C . 5.27 -23.39 -7.56
C1 DMS C . 7.07 -24.31 -5.65
C2 DMS C . 4.94 -22.80 -4.82
C1 GOL D . 5.65 17.90 11.83
O1 GOL D . 6.50 17.51 12.86
C2 GOL D . 4.64 16.76 11.63
O2 GOL D . 3.42 17.06 12.27
C3 GOL D . 5.36 15.45 12.14
O3 GOL D . 6.31 15.01 11.17
C1 GOL E . 9.05 11.86 9.16
O1 GOL E . 8.38 11.36 8.06
C2 GOL E . 9.45 10.67 10.09
O2 GOL E . 8.46 9.69 10.05
C3 GOL E . 10.88 10.18 9.63
O3 GOL E . 10.92 10.30 8.21
C1 GOL F . -16.55 0.94 -3.30
O1 GOL F . -16.88 0.15 -2.21
C2 GOL F . -15.17 1.61 -2.98
O2 GOL F . -15.07 2.93 -3.50
C3 GOL F . -14.17 0.63 -3.67
O3 GOL F . -12.98 1.31 -3.83
#